data_5XWC
#
_entry.id   5XWC
#
_cell.length_a   173.410
_cell.length_b   173.410
_cell.length_c   241.830
_cell.angle_alpha   90.00
_cell.angle_beta   90.00
_cell.angle_gamma   120.00
#
_symmetry.space_group_name_H-M   'H 3 2'
#
loop_
_entity.id
_entity.type
_entity.pdbx_description
1 polymer 'Glutamate dehydrogenase'
2 non-polymer 'NADP NICOTINAMIDE-ADENINE-DINUCLEOTIDE PHOSPHATE'
3 non-polymer '(2S)-2-azanyl-2-oxidanyl-pentanedioic acid'
4 non-polymer '(2Z)-2-iminopentanedioic acid'
5 non-polymer GLYCEROL
6 non-polymer DI(HYDROXYETHYL)ETHER
7 water water
#
_entity_poly.entity_id   1
_entity_poly.type   'polypeptide(L)'
_entity_poly.pdbx_seq_one_letter_code
;MSNLPHEPEFEQAYKELASTLENSTLFQKNPEYRKALAVVSVPERVIQFRVVWEDDAGNVQVNRGFRVQFNSALGPYKGG
LRFHPSVNLSILKFLGFEQIFKNALTGLNMGGGKGGSDFDPKGKSDNEIRRFCVSFMTELCKHIGADTDVPAGDIGVTGR
EVGFLFGQYRKIRNQWEGVLTGKGGSWGGSLIRPEATGYGVVYYVEHMIAHATNGQESFKGKRVAISGSGNVAQYAALKV
IELGGSVVSLSDSQGSLIINGEGSFTPEEIELIAQTKVERKQLASIVGAAPFSDANKFKYIAGARPWVHVGKVDVALPSA
TQNEISGEEAQVLINAGCKFIAEGSNMGCTQEAIDTFEAHRTANAGAAAIWYAPGKAANAGGVAVSGLEMAQNSARLSWT
SEEVDARLKDIMRDCFKNGLETAQEYATPAEGVLPSLVTGSNIAGFTKVAAAMKDQGDWW
;
_entity_poly.pdbx_strand_id   A
#
loop_
_chem_comp.id
_chem_comp.type
_chem_comp.name
_chem_comp.formula
2IT non-polymer '(2Z)-2-iminopentanedioic acid' 'C5 H7 N O4'
8GL non-polymer '(2S)-2-azanyl-2-oxidanyl-pentanedioic acid' 'C5 H9 N O5'
GOL non-polymer GLYCEROL 'C3 H8 O3'
NAP non-polymer 'NADP NICOTINAMIDE-ADENINE-DINUCLEOTIDE PHOSPHATE' 'C21 H28 N7 O17 P3'
PEG non-polymer DI(HYDROXYETHYL)ETHER 'C4 H10 O3'
#
# COMPACT_ATOMS: atom_id res chain seq x y z
N SER A 2 -11.97 -28.09 11.51
CA SER A 2 -11.70 -26.91 10.58
C SER A 2 -12.85 -26.62 9.57
N ASN A 3 -12.79 -27.17 8.35
CA ASN A 3 -13.80 -26.90 7.27
C ASN A 3 -13.71 -25.44 6.75
N LEU A 4 -12.49 -24.98 6.54
CA LEU A 4 -12.20 -23.58 6.25
C LEU A 4 -12.51 -23.21 4.80
N PRO A 5 -13.05 -21.99 4.56
CA PRO A 5 -13.27 -21.55 3.18
C PRO A 5 -11.98 -21.24 2.40
N HIS A 6 -12.07 -21.32 1.08
CA HIS A 6 -10.95 -20.95 0.19
C HIS A 6 -10.81 -19.44 0.16
N GLU A 7 -9.65 -18.95 0.56
CA GLU A 7 -9.36 -17.49 0.58
C GLU A 7 -8.04 -17.25 -0.17
N PRO A 8 -8.09 -17.25 -1.53
CA PRO A 8 -6.82 -17.32 -2.29
C PRO A 8 -5.83 -16.18 -2.01
N GLU A 9 -6.34 -14.96 -1.94
CA GLU A 9 -5.48 -13.79 -1.70
C GLU A 9 -4.81 -13.89 -0.35
N PHE A 10 -5.59 -14.26 0.67
CA PHE A 10 -5.06 -14.41 2.00
C PHE A 10 -4.02 -15.53 2.06
N GLU A 11 -4.37 -16.66 1.47
CA GLU A 11 -3.45 -17.81 1.39
C GLU A 11 -2.13 -17.44 0.70
N GLN A 12 -2.24 -16.68 -0.39
CA GLN A 12 -1.04 -16.17 -1.08
C GLN A 12 -0.13 -15.36 -0.16
N ALA A 13 -0.73 -14.40 0.57
CA ALA A 13 0.05 -13.55 1.45
C ALA A 13 0.67 -14.34 2.59
N TYR A 14 -0.11 -15.25 3.16
CA TYR A 14 0.36 -16.11 4.21
C TYR A 14 1.54 -16.99 3.74
N LYS A 15 1.33 -17.68 2.62
CA LYS A 15 2.38 -18.57 2.07
C LYS A 15 3.70 -17.88 1.79
N GLU A 16 3.66 -16.66 1.23
CA GLU A 16 4.89 -15.92 0.95
C GLU A 16 5.58 -15.52 2.25
N LEU A 17 4.83 -15.03 3.25
CA LEU A 17 5.44 -14.74 4.53
C LEU A 17 6.06 -16.00 5.12
N ALA A 18 5.27 -17.06 5.23
CA ALA A 18 5.72 -18.31 5.85
C ALA A 18 6.98 -18.88 5.17
N SER A 19 6.98 -18.86 3.83
CA SER A 19 8.13 -19.34 3.05
CA SER A 19 8.12 -19.33 3.05
C SER A 19 9.41 -18.57 3.38
N THR A 20 9.31 -17.24 3.43
CA THR A 20 10.48 -16.45 3.78
C THR A 20 10.97 -16.72 5.20
N LEU A 21 10.05 -16.96 6.14
CA LEU A 21 10.46 -17.30 7.48
C LEU A 21 11.19 -18.67 7.51
N GLU A 22 10.64 -19.65 6.81
CA GLU A 22 11.26 -20.98 6.73
C GLU A 22 12.64 -20.95 6.07
N ASN A 23 12.79 -20.12 5.04
CA ASN A 23 14.05 -19.97 4.30
C ASN A 23 14.97 -18.95 4.94
N SER A 24 15.32 -19.24 6.18
CA SER A 24 16.14 -18.37 7.00
C SER A 24 16.53 -19.18 8.23
N THR A 25 17.35 -18.61 9.09
CA THR A 25 17.68 -19.28 10.33
C THR A 25 16.72 -18.96 11.50
N LEU A 26 15.61 -18.24 11.23
CA LEU A 26 14.70 -17.83 12.32
C LEU A 26 14.20 -18.98 13.19
N PHE A 27 13.67 -20.02 12.57
CA PHE A 27 13.11 -21.14 13.31
C PHE A 27 14.15 -22.15 13.86
N GLN A 28 15.41 -21.98 13.47
CA GLN A 28 16.53 -22.67 14.12
C GLN A 28 16.83 -22.02 15.46
N LYS A 29 16.88 -20.69 15.47
CA LYS A 29 17.09 -19.94 16.67
C LYS A 29 15.85 -19.94 17.60
N ASN A 30 14.66 -19.82 17.00
CA ASN A 30 13.40 -19.66 17.76
C ASN A 30 12.32 -20.55 17.16
N PRO A 31 12.45 -21.87 17.30
CA PRO A 31 11.43 -22.76 16.74
C PRO A 31 10.02 -22.53 17.34
N GLU A 32 9.97 -22.04 18.57
CA GLU A 32 8.68 -21.67 19.20
C GLU A 32 7.88 -20.61 18.41
N TYR A 33 8.55 -19.81 17.56
CA TYR A 33 7.85 -18.88 16.68
C TYR A 33 6.91 -19.49 15.66
N ARG A 34 7.04 -20.78 15.38
N ARG A 34 7.03 -20.78 15.37
CA ARG A 34 6.03 -21.50 14.61
CA ARG A 34 6.00 -21.45 14.56
C ARG A 34 4.65 -21.40 15.24
C ARG A 34 4.63 -21.45 15.25
N LYS A 35 4.59 -21.48 16.58
CA LYS A 35 3.32 -21.34 17.32
C LYS A 35 2.77 -19.91 17.12
N ALA A 36 3.65 -18.92 17.25
CA ALA A 36 3.32 -17.53 17.00
C ALA A 36 2.72 -17.33 15.61
N LEU A 37 3.32 -17.97 14.60
CA LEU A 37 2.80 -17.88 13.26
C LEU A 37 1.38 -18.45 13.14
N ALA A 38 1.11 -19.59 13.77
CA ALA A 38 -0.21 -20.18 13.73
C ALA A 38 -1.27 -19.27 14.40
N VAL A 39 -0.90 -18.64 15.50
CA VAL A 39 -1.82 -17.77 16.22
C VAL A 39 -2.04 -16.45 15.49
N VAL A 40 -0.96 -15.82 15.03
CA VAL A 40 -1.05 -14.49 14.41
C VAL A 40 -1.88 -14.56 13.13
N SER A 41 -1.92 -15.73 12.48
CA SER A 41 -2.56 -15.86 11.19
CA SER A 41 -2.57 -15.92 11.19
C SER A 41 -4.08 -16.00 11.26
N VAL A 42 -4.65 -16.11 12.48
CA VAL A 42 -6.10 -16.11 12.67
C VAL A 42 -6.46 -14.74 13.24
N PRO A 43 -7.31 -13.98 12.53
CA PRO A 43 -7.59 -12.60 12.99
C PRO A 43 -8.25 -12.58 14.39
N GLU A 44 -7.88 -11.59 15.19
CA GLU A 44 -8.46 -11.42 16.51
C GLU A 44 -9.98 -11.26 16.36
N ARG A 45 -10.42 -10.45 15.41
CA ARG A 45 -11.86 -10.19 15.24
C ARG A 45 -12.15 -9.77 13.83
N VAL A 46 -13.32 -10.16 13.31
CA VAL A 46 -13.80 -9.73 12.03
C VAL A 46 -15.27 -9.37 12.24
N ILE A 47 -15.67 -8.20 11.75
CA ILE A 47 -17.07 -7.80 11.73
CA ILE A 47 -17.06 -7.78 11.75
C ILE A 47 -17.49 -7.68 10.28
N GLN A 48 -18.62 -8.31 9.95
CA GLN A 48 -19.24 -8.20 8.62
C GLN A 48 -20.66 -7.70 8.88
N PHE A 49 -21.20 -6.90 7.98
CA PHE A 49 -22.50 -6.29 8.21
C PHE A 49 -23.14 -5.89 6.91
N ARG A 50 -24.47 -6.00 6.87
CA ARG A 50 -25.26 -5.52 5.77
C ARG A 50 -25.24 -4.01 5.75
N VAL A 51 -25.11 -3.41 4.56
CA VAL A 51 -25.27 -1.98 4.39
C VAL A 51 -26.38 -1.69 3.38
N VAL A 52 -27.52 -1.24 3.91
CA VAL A 52 -28.64 -0.80 3.09
C VAL A 52 -28.53 0.70 2.90
N TRP A 53 -28.67 1.17 1.65
CA TRP A 53 -28.58 2.60 1.36
C TRP A 53 -29.55 2.92 0.21
N GLU A 54 -29.86 4.20 0.08
CA GLU A 54 -30.88 4.66 -0.87
C GLU A 54 -30.20 5.34 -2.07
N ASP A 55 -30.56 4.92 -3.27
CA ASP A 55 -29.95 5.56 -4.46
C ASP A 55 -30.73 6.81 -4.88
N ASP A 56 -30.26 7.49 -5.91
CA ASP A 56 -30.85 8.80 -6.30
C ASP A 56 -32.27 8.65 -6.84
N ALA A 57 -32.68 7.44 -7.22
CA ALA A 57 -34.04 7.17 -7.68
C ALA A 57 -34.99 6.72 -6.54
N GLY A 58 -34.48 6.67 -5.31
CA GLY A 58 -35.26 6.20 -4.18
C GLY A 58 -35.30 4.70 -3.99
N ASN A 59 -34.44 3.95 -4.68
CA ASN A 59 -34.47 2.50 -4.57
C ASN A 59 -33.54 2.00 -3.49
N VAL A 60 -33.95 0.89 -2.86
N VAL A 60 -33.97 0.89 -2.87
CA VAL A 60 -33.12 0.24 -1.84
CA VAL A 60 -33.14 0.12 -1.95
C VAL A 60 -31.98 -0.53 -2.51
C VAL A 60 -31.93 -0.42 -2.68
N GLN A 61 -30.75 -0.25 -2.07
CA GLN A 61 -29.55 -0.91 -2.52
C GLN A 61 -28.91 -1.62 -1.31
N VAL A 62 -28.27 -2.75 -1.57
CA VAL A 62 -27.66 -3.57 -0.53
C VAL A 62 -26.23 -3.88 -0.91
N ASN A 63 -25.32 -3.59 0.01
CA ASN A 63 -23.91 -3.97 -0.11
C ASN A 63 -23.45 -4.61 1.18
N ARG A 64 -22.23 -5.14 1.13
CA ARG A 64 -21.64 -5.87 2.26
CA ARG A 64 -21.66 -5.84 2.26
C ARG A 64 -20.51 -5.01 2.81
N GLY A 65 -20.49 -4.86 4.14
CA GLY A 65 -19.42 -4.13 4.83
C GLY A 65 -18.59 -5.05 5.70
N PHE A 66 -17.33 -4.67 5.94
CA PHE A 66 -16.36 -5.51 6.62
C PHE A 66 -15.39 -4.65 7.41
N ARG A 67 -14.96 -5.18 8.56
CA ARG A 67 -13.76 -4.69 9.20
C ARG A 67 -13.03 -5.88 9.82
N VAL A 68 -11.80 -6.11 9.36
CA VAL A 68 -10.93 -7.14 9.85
C VAL A 68 -9.99 -6.51 10.83
N GLN A 69 -10.06 -6.94 12.10
CA GLN A 69 -9.23 -6.42 13.17
C GLN A 69 -8.22 -7.51 13.46
N PHE A 70 -7.12 -7.50 12.72
CA PHE A 70 -6.27 -8.68 12.65
C PHE A 70 -5.41 -8.90 13.89
N ASN A 71 -4.72 -7.85 14.34
CA ASN A 71 -3.76 -7.97 15.41
C ASN A 71 -3.60 -6.64 16.13
N SER A 72 -3.56 -6.69 17.47
CA SER A 72 -3.43 -5.48 18.27
C SER A 72 -2.31 -5.54 19.29
N ALA A 73 -1.30 -6.40 19.11
CA ALA A 73 -0.19 -6.42 20.05
C ALA A 73 0.55 -5.10 20.16
N LEU A 74 0.85 -4.49 19.01
CA LEU A 74 1.65 -3.28 18.96
C LEU A 74 0.88 -2.01 19.06
N GLY A 75 -0.45 -2.07 18.95
CA GLY A 75 -1.23 -0.86 19.05
C GLY A 75 -2.66 -1.09 18.65
N PRO A 76 -3.47 -0.05 18.68
CA PRO A 76 -4.83 -0.24 18.18
C PRO A 76 -4.83 -0.64 16.73
N TYR A 77 -5.88 -1.36 16.32
CA TYR A 77 -5.96 -1.79 14.92
C TYR A 77 -5.85 -0.58 13.99
N LYS A 78 -5.13 -0.72 12.87
CA LYS A 78 -4.88 0.40 12.00
C LYS A 78 -4.78 -0.12 10.57
N GLY A 79 -5.54 0.53 9.69
CA GLY A 79 -5.44 0.25 8.27
C GLY A 79 -6.66 0.75 7.55
N GLY A 80 -6.56 0.81 6.24
CA GLY A 80 -7.57 1.46 5.43
C GLY A 80 -8.87 0.74 5.17
N LEU A 81 -9.74 1.48 4.48
CA LEU A 81 -11.01 1.01 3.97
C LEU A 81 -10.96 1.02 2.42
N ARG A 82 -11.38 -0.09 1.82
CA ARG A 82 -11.41 -0.25 0.36
C ARG A 82 -12.87 -0.38 -0.08
N PHE A 83 -13.29 0.48 -1.00
CA PHE A 83 -14.60 0.39 -1.66
C PHE A 83 -14.33 0.01 -3.11
N HIS A 84 -14.53 -1.26 -3.42
CA HIS A 84 -14.27 -1.79 -4.76
C HIS A 84 -15.14 -3.03 -4.93
N PRO A 85 -15.73 -3.25 -6.13
CA PRO A 85 -16.66 -4.40 -6.30
C PRO A 85 -16.06 -5.78 -6.08
N SER A 86 -14.75 -5.90 -6.11
CA SER A 86 -14.06 -7.14 -5.79
C SER A 86 -14.06 -7.52 -4.29
N VAL A 87 -14.30 -6.53 -3.43
CA VAL A 87 -14.07 -6.72 -1.99
C VAL A 87 -14.84 -7.93 -1.42
N ASN A 88 -14.10 -8.71 -0.65
CA ASN A 88 -14.63 -9.78 0.14
C ASN A 88 -13.66 -10.01 1.32
N LEU A 89 -14.01 -11.00 2.14
CA LEU A 89 -13.23 -11.30 3.33
C LEU A 89 -11.81 -11.75 3.01
N SER A 90 -11.67 -12.60 1.99
CA SER A 90 -10.36 -13.05 1.54
C SER A 90 -9.40 -11.90 1.26
N ILE A 91 -9.86 -10.95 0.46
CA ILE A 91 -9.07 -9.80 0.08
C ILE A 91 -8.72 -8.95 1.31
N LEU A 92 -9.72 -8.68 2.15
CA LEU A 92 -9.48 -7.87 3.34
C LEU A 92 -8.60 -8.55 4.37
N LYS A 93 -8.62 -9.87 4.45
CA LYS A 93 -7.71 -10.59 5.28
C LYS A 93 -6.28 -10.55 4.77
N PHE A 94 -6.09 -10.64 3.44
CA PHE A 94 -4.72 -10.53 2.92
C PHE A 94 -4.18 -9.16 3.31
N LEU A 95 -5.01 -8.12 3.08
CA LEU A 95 -4.60 -6.75 3.36
C LEU A 95 -4.33 -6.50 4.85
N GLY A 96 -5.24 -6.98 5.69
CA GLY A 96 -5.08 -6.84 7.14
C GLY A 96 -3.89 -7.59 7.72
N PHE A 97 -3.63 -8.78 7.19
CA PHE A 97 -2.46 -9.58 7.58
C PHE A 97 -1.16 -8.83 7.25
N GLU A 98 -1.06 -8.39 6.00
CA GLU A 98 0.08 -7.59 5.56
C GLU A 98 0.24 -6.35 6.43
N GLN A 99 -0.89 -5.72 6.75
CA GLN A 99 -0.86 -4.51 7.56
C GLN A 99 -0.20 -4.70 8.93
N ILE A 100 -0.36 -5.86 9.53
CA ILE A 100 0.25 -6.13 10.85
C ILE A 100 1.75 -5.87 10.78
N PHE A 101 2.37 -6.46 9.77
CA PHE A 101 3.85 -6.49 9.67
C PHE A 101 4.39 -5.19 9.10
N LYS A 102 3.64 -4.58 8.18
CA LYS A 102 3.93 -3.24 7.70
C LYS A 102 3.95 -2.25 8.85
N ASN A 103 2.90 -2.31 9.66
CA ASN A 103 2.82 -1.37 10.77
C ASN A 103 3.95 -1.55 11.78
N ALA A 104 4.32 -2.80 12.03
CA ALA A 104 5.49 -3.11 12.84
C ALA A 104 6.78 -2.42 12.35
N LEU A 105 6.93 -2.31 11.03
CA LEU A 105 8.15 -1.72 10.43
C LEU A 105 8.25 -0.19 10.56
N THR A 106 7.14 0.48 10.92
CA THR A 106 7.14 1.91 11.06
C THR A 106 7.74 2.43 12.34
N GLY A 107 7.84 1.57 13.36
CA GLY A 107 8.28 1.98 14.68
C GLY A 107 7.22 2.69 15.53
N LEU A 108 5.98 2.76 15.04
CA LEU A 108 4.88 3.41 15.76
C LEU A 108 3.94 2.33 16.32
N ASN A 109 3.18 2.69 17.35
CA ASN A 109 2.31 1.72 18.01
C ASN A 109 0.97 1.60 17.28
N MET A 110 0.94 0.71 16.29
CA MET A 110 -0.21 0.49 15.43
C MET A 110 -0.31 -1.01 15.18
N GLY A 111 -1.48 -1.55 15.47
CA GLY A 111 -1.86 -2.91 15.16
C GLY A 111 -2.34 -2.95 13.71
N GLY A 112 -2.73 -4.12 13.24
CA GLY A 112 -3.09 -4.30 11.84
C GLY A 112 -4.56 -4.62 11.65
N GLY A 113 -5.18 -3.89 10.71
CA GLY A 113 -6.55 -4.15 10.29
C GLY A 113 -6.82 -3.66 8.87
N LYS A 114 -7.99 -3.99 8.35
CA LYS A 114 -8.43 -3.51 7.05
C LYS A 114 -9.93 -3.72 6.98
N GLY A 115 -10.60 -2.89 6.21
CA GLY A 115 -12.01 -3.06 6.00
C GLY A 115 -12.46 -2.48 4.70
N GLY A 116 -13.78 -2.40 4.55
CA GLY A 116 -14.36 -1.79 3.38
C GLY A 116 -15.66 -2.43 2.97
N SER A 117 -15.94 -2.36 1.66
CA SER A 117 -17.20 -2.79 1.13
C SER A 117 -17.04 -3.13 -0.35
N ASP A 118 -17.91 -4.03 -0.81
CA ASP A 118 -18.10 -4.25 -2.25
C ASP A 118 -18.88 -3.15 -3.01
N PHE A 119 -19.29 -2.08 -2.32
CA PHE A 119 -19.83 -0.87 -2.95
C PHE A 119 -18.81 -0.35 -3.99
N ASP A 120 -19.33 -0.06 -5.18
CA ASP A 120 -18.47 0.45 -6.26
C ASP A 120 -18.74 1.92 -6.43
N PRO A 121 -17.78 2.78 -6.06
CA PRO A 121 -17.99 4.22 -6.24
C PRO A 121 -18.21 4.68 -7.71
N LYS A 122 -17.72 3.90 -8.67
CA LYS A 122 -17.87 4.24 -10.10
C LYS A 122 -19.32 4.21 -10.51
N GLY A 123 -19.73 5.26 -11.21
CA GLY A 123 -21.12 5.42 -11.64
C GLY A 123 -22.08 5.96 -10.59
N LYS A 124 -21.59 6.24 -9.37
CA LYS A 124 -22.42 6.78 -8.31
C LYS A 124 -22.27 8.27 -8.31
N SER A 125 -23.32 8.98 -7.92
CA SER A 125 -23.25 10.39 -7.61
C SER A 125 -22.55 10.63 -6.26
N ASP A 126 -22.08 11.85 -6.04
CA ASP A 126 -21.54 12.20 -4.74
C ASP A 126 -22.61 12.04 -3.67
N ASN A 127 -23.86 12.34 -3.98
CA ASN A 127 -24.94 12.15 -3.04
C ASN A 127 -25.10 10.67 -2.65
N GLU A 128 -24.99 9.78 -3.62
CA GLU A 128 -25.07 8.35 -3.36
C GLU A 128 -23.91 7.87 -2.48
N ILE A 129 -22.71 8.38 -2.76
CA ILE A 129 -21.52 8.06 -1.94
C ILE A 129 -21.76 8.54 -0.48
N ARG A 130 -22.30 9.74 -0.33
CA ARG A 130 -22.66 10.25 0.99
C ARG A 130 -23.63 9.32 1.71
N ARG A 131 -24.72 8.95 1.07
CA ARG A 131 -25.71 8.09 1.74
C ARG A 131 -25.11 6.73 2.10
N PHE A 132 -24.26 6.20 1.22
CA PHE A 132 -23.59 4.94 1.49
C PHE A 132 -22.65 5.06 2.72
N CYS A 133 -21.82 6.10 2.75
CA CYS A 133 -20.87 6.30 3.86
C CYS A 133 -21.62 6.47 5.19
N VAL A 134 -22.74 7.19 5.17
CA VAL A 134 -23.59 7.37 6.33
C VAL A 134 -24.11 6.04 6.88
N SER A 135 -24.66 5.20 6.01
CA SER A 135 -25.15 3.88 6.40
CA SER A 135 -25.15 3.86 6.39
C SER A 135 -24.01 2.97 6.89
N PHE A 136 -22.95 2.93 6.11
CA PHE A 136 -21.75 2.15 6.48
C PHE A 136 -21.24 2.48 7.88
N MET A 137 -21.05 3.76 8.17
CA MET A 137 -20.49 4.13 9.43
C MET A 137 -21.49 3.99 10.59
N THR A 138 -22.79 4.04 10.28
CA THR A 138 -23.81 3.80 11.30
C THR A 138 -23.56 2.47 12.01
N GLU A 139 -23.16 1.45 11.28
CA GLU A 139 -22.75 0.20 11.89
C GLU A 139 -21.29 0.18 12.32
N LEU A 140 -20.38 0.63 11.46
CA LEU A 140 -18.96 0.52 11.81
C LEU A 140 -18.57 1.26 13.08
N CYS A 141 -19.25 2.38 13.38
CA CYS A 141 -18.90 3.18 14.56
C CYS A 141 -19.01 2.43 15.90
N LYS A 142 -19.74 1.32 15.95
CA LYS A 142 -19.81 0.51 17.16
C LYS A 142 -18.46 -0.16 17.47
N HIS A 143 -17.62 -0.37 16.45
CA HIS A 143 -16.46 -1.26 16.53
C HIS A 143 -15.09 -0.59 16.49
N ILE A 144 -15.07 0.73 16.32
CA ILE A 144 -13.84 1.47 16.08
C ILE A 144 -13.78 2.61 17.09
N GLY A 145 -12.64 3.29 17.12
CA GLY A 145 -12.45 4.42 18.02
C GLY A 145 -10.97 4.75 18.09
N ALA A 146 -10.67 5.95 18.57
CA ALA A 146 -9.30 6.47 18.56
C ALA A 146 -8.29 5.60 19.31
N ASP A 147 -8.72 4.82 20.31
CA ASP A 147 -7.82 3.89 21.03
C ASP A 147 -8.17 2.41 20.74
N THR A 148 -8.95 2.16 19.69
CA THR A 148 -9.45 0.82 19.38
C THR A 148 -9.08 0.39 17.97
N ASP A 149 -9.56 1.17 17.02
CA ASP A 149 -9.37 0.88 15.60
C ASP A 149 -9.54 2.17 14.85
N VAL A 150 -8.52 2.51 14.05
CA VAL A 150 -8.41 3.78 13.35
C VAL A 150 -8.30 3.50 11.84
N PRO A 151 -9.42 3.54 11.12
CA PRO A 151 -9.33 3.37 9.67
C PRO A 151 -8.82 4.61 8.92
N ALA A 152 -8.85 4.50 7.60
CA ALA A 152 -8.34 5.52 6.69
C ALA A 152 -8.83 5.11 5.30
N GLY A 153 -8.31 5.77 4.28
CA GLY A 153 -8.61 5.42 2.90
C GLY A 153 -7.79 4.24 2.41
N ASP A 154 -8.02 3.90 1.15
CA ASP A 154 -7.38 2.83 0.38
C ASP A 154 -8.06 2.93 -0.99
N ILE A 155 -8.13 1.85 -1.78
CA ILE A 155 -8.72 1.93 -3.10
C ILE A 155 -10.20 2.30 -2.93
N GLY A 156 -10.59 3.37 -3.62
CA GLY A 156 -11.97 3.81 -3.65
C GLY A 156 -12.41 4.68 -2.45
N VAL A 157 -11.51 4.93 -1.50
CA VAL A 157 -11.81 5.74 -0.34
C VAL A 157 -10.77 6.84 -0.28
N THR A 158 -11.25 8.04 -0.54
CA THR A 158 -10.47 9.27 -0.56
C THR A 158 -10.87 10.17 0.60
N GLY A 159 -10.28 11.37 0.67
CA GLY A 159 -10.69 12.39 1.62
C GLY A 159 -12.18 12.70 1.62
N ARG A 160 -12.82 12.63 0.46
CA ARG A 160 -14.27 12.82 0.37
C ARG A 160 -15.05 11.80 1.24
N GLU A 161 -14.72 10.52 1.05
CA GLU A 161 -15.37 9.45 1.80
C GLU A 161 -14.96 9.52 3.28
N VAL A 162 -13.67 9.80 3.56
CA VAL A 162 -13.25 9.97 4.96
C VAL A 162 -14.10 11.03 5.67
N GLY A 163 -14.37 12.13 4.97
CA GLY A 163 -15.20 13.19 5.52
C GLY A 163 -16.61 12.74 5.86
N PHE A 164 -17.27 12.04 4.92
CA PHE A 164 -18.64 11.60 5.20
C PHE A 164 -18.64 10.58 6.35
N LEU A 165 -17.61 9.71 6.36
CA LEU A 165 -17.50 8.72 7.43
C LEU A 165 -17.27 9.37 8.80
N PHE A 166 -16.35 10.33 8.86
CA PHE A 166 -16.04 11.03 10.10
C PHE A 166 -17.26 11.76 10.65
N GLY A 167 -17.98 12.45 9.77
CA GLY A 167 -19.17 13.15 10.14
C GLY A 167 -20.20 12.27 10.83
N GLN A 168 -20.47 11.11 10.23
CA GLN A 168 -21.44 10.20 10.81
C GLN A 168 -20.94 9.62 12.14
N TYR A 169 -19.65 9.30 12.24
CA TYR A 169 -19.12 8.84 13.50
C TYR A 169 -19.32 9.87 14.61
N ARG A 170 -18.98 11.11 14.32
CA ARG A 170 -19.07 12.15 15.33
C ARG A 170 -20.52 12.33 15.78
N LYS A 171 -21.45 12.21 14.85
CA LYS A 171 -22.85 12.37 15.13
C LYS A 171 -23.39 11.30 16.08
N ILE A 172 -23.05 10.04 15.85
CA ILE A 172 -23.52 8.96 16.69
C ILE A 172 -22.75 8.85 17.99
N ARG A 173 -21.42 8.85 17.89
CA ARG A 173 -20.58 8.58 19.05
C ARG A 173 -20.43 9.79 19.98
N ASN A 174 -20.72 10.99 19.46
CA ASN A 174 -20.61 12.23 20.24
C ASN A 174 -19.20 12.41 20.84
N GLN A 175 -18.20 12.08 20.02
CA GLN A 175 -16.79 12.29 20.34
C GLN A 175 -16.09 12.76 19.07
N TRP A 176 -15.23 13.76 19.24
CA TRP A 176 -14.44 14.33 18.15
C TRP A 176 -13.03 13.87 18.46
N GLU A 177 -12.51 12.92 17.68
CA GLU A 177 -11.23 12.28 18.01
C GLU A 177 -10.62 11.71 16.76
N GLY A 178 -9.38 11.24 16.88
CA GLY A 178 -8.63 10.66 15.75
C GLY A 178 -9.05 9.25 15.43
N VAL A 179 -10.32 9.07 15.09
CA VAL A 179 -10.87 7.73 14.81
C VAL A 179 -10.56 7.29 13.36
N LEU A 180 -10.31 8.27 12.51
CA LEU A 180 -9.91 8.08 11.12
C LEU A 180 -8.69 8.92 10.86
N THR A 181 -7.88 8.48 9.91
CA THR A 181 -6.82 9.33 9.36
C THR A 181 -7.07 9.53 7.86
N GLY A 182 -6.24 10.36 7.25
CA GLY A 182 -6.58 10.95 5.94
C GLY A 182 -7.66 12.02 6.04
N LYS A 183 -7.81 12.63 7.22
CA LYS A 183 -8.79 13.70 7.42
C LYS A 183 -8.33 15.03 6.77
N GLY A 184 -9.28 15.90 6.58
CA GLY A 184 -9.08 17.22 5.97
C GLY A 184 -8.31 18.15 6.89
N GLY A 185 -7.62 19.11 6.27
CA GLY A 185 -6.75 20.07 6.97
C GLY A 185 -7.36 20.81 8.14
N SER A 186 -8.62 21.22 8.02
CA SER A 186 -9.24 21.99 9.09
C SER A 186 -9.90 21.13 10.15
N TRP A 187 -10.04 19.83 9.90
CA TRP A 187 -10.72 18.94 10.87
C TRP A 187 -9.85 17.73 11.20
N GLY A 188 -8.61 18.03 11.61
CA GLY A 188 -7.68 17.06 12.16
C GLY A 188 -6.76 16.28 11.23
N GLY A 189 -6.67 16.72 9.98
CA GLY A 189 -5.76 16.12 9.05
C GLY A 189 -4.30 16.46 9.32
N SER A 190 -3.41 15.76 8.62
CA SER A 190 -1.98 16.01 8.73
C SER A 190 -1.47 16.48 7.40
N LEU A 191 -0.68 17.55 7.41
CA LEU A 191 0.15 17.84 6.24
C LEU A 191 0.98 16.59 5.89
N ILE A 192 1.29 16.43 4.59
CA ILE A 192 2.07 15.31 4.06
C ILE A 192 1.28 13.98 3.99
N ARG A 193 0.10 13.86 4.64
CA ARG A 193 -0.63 12.59 4.50
C ARG A 193 -1.04 12.24 3.05
N PRO A 194 -1.56 13.20 2.29
CA PRO A 194 -1.85 12.85 0.86
C PRO A 194 -0.60 12.34 0.11
N GLU A 195 0.53 12.99 0.36
CA GLU A 195 1.81 12.64 -0.29
C GLU A 195 2.45 11.36 0.22
N ALA A 196 2.06 10.90 1.42
CA ALA A 196 2.94 10.08 2.21
C ALA A 196 3.31 8.74 1.62
N THR A 197 2.34 8.04 1.05
CA THR A 197 2.61 6.69 0.57
C THR A 197 3.56 6.74 -0.64
N GLY A 198 3.22 7.56 -1.60
CA GLY A 198 4.01 7.68 -2.85
C GLY A 198 5.40 8.26 -2.57
N TYR A 199 5.45 9.31 -1.75
CA TYR A 199 6.75 9.87 -1.32
C TYR A 199 7.60 8.81 -0.65
N GLY A 200 6.99 8.07 0.28
CA GLY A 200 7.71 7.05 1.01
C GLY A 200 8.25 5.93 0.15
N VAL A 201 7.50 5.52 -0.87
CA VAL A 201 7.95 4.46 -1.78
C VAL A 201 9.25 4.96 -2.45
N VAL A 202 9.24 6.21 -2.87
CA VAL A 202 10.37 6.80 -3.60
C VAL A 202 11.54 7.00 -2.65
N TYR A 203 11.28 7.48 -1.42
CA TYR A 203 12.33 7.59 -0.41
C TYR A 203 13.02 6.25 -0.14
N TYR A 204 12.22 5.19 -0.04
CA TYR A 204 12.76 3.87 0.24
C TYR A 204 13.67 3.41 -0.92
N VAL A 205 13.17 3.58 -2.14
CA VAL A 205 13.95 3.22 -3.34
C VAL A 205 15.24 4.05 -3.45
N GLU A 206 15.22 5.31 -3.03
CA GLU A 206 16.46 6.09 -2.95
C GLU A 206 17.54 5.36 -2.16
N HIS A 207 17.15 4.74 -1.04
CA HIS A 207 18.08 3.95 -0.24
C HIS A 207 18.55 2.69 -0.94
N MET A 208 17.63 2.03 -1.65
CA MET A 208 17.97 0.85 -2.42
C MET A 208 19.03 1.22 -3.50
N ILE A 209 18.80 2.32 -4.22
CA ILE A 209 19.71 2.74 -5.30
C ILE A 209 21.09 3.08 -4.71
N ALA A 210 21.10 3.88 -3.64
CA ALA A 210 22.35 4.27 -2.99
C ALA A 210 23.17 3.07 -2.53
N HIS A 211 22.49 2.07 -1.97
CA HIS A 211 23.17 0.89 -1.47
C HIS A 211 23.67 0.01 -2.62
N ALA A 212 22.81 -0.30 -3.58
CA ALA A 212 23.19 -1.20 -4.66
C ALA A 212 24.31 -0.64 -5.56
N THR A 213 24.38 0.67 -5.69
CA THR A 213 25.30 1.35 -6.61
C THR A 213 26.44 2.05 -5.87
N ASN A 214 26.54 1.83 -4.57
CA ASN A 214 27.57 2.43 -3.74
C ASN A 214 27.59 3.96 -3.85
N GLY A 215 26.42 4.56 -3.86
CA GLY A 215 26.32 6.00 -3.94
C GLY A 215 26.52 6.62 -5.32
N GLN A 216 26.70 5.81 -6.36
CA GLN A 216 27.04 6.33 -7.70
C GLN A 216 25.83 6.81 -8.47
N GLU A 217 24.66 6.22 -8.22
CA GLU A 217 23.43 6.57 -8.94
C GLU A 217 22.36 7.06 -7.96
N SER A 218 21.31 7.65 -8.51
CA SER A 218 20.15 8.13 -7.75
C SER A 218 18.96 8.06 -8.69
N PHE A 219 17.83 8.67 -8.33
CA PHE A 219 16.72 8.78 -9.27
C PHE A 219 17.03 9.75 -10.43
N LYS A 220 18.05 10.60 -10.29
CA LYS A 220 18.38 11.62 -11.30
C LYS A 220 18.71 10.90 -12.61
N GLY A 221 17.93 11.20 -13.65
CA GLY A 221 18.08 10.58 -14.96
C GLY A 221 17.48 9.21 -15.17
N LYS A 222 16.87 8.60 -14.14
CA LYS A 222 16.28 7.26 -14.29
C LYS A 222 14.87 7.33 -14.86
N ARG A 223 14.48 6.28 -15.57
CA ARG A 223 13.15 6.13 -16.13
C ARG A 223 12.38 5.21 -15.18
N VAL A 224 11.20 5.66 -14.80
CA VAL A 224 10.38 4.99 -13.76
C VAL A 224 9.00 4.69 -14.31
N ALA A 225 8.66 3.41 -14.40
CA ALA A 225 7.36 2.98 -14.84
C ALA A 225 6.45 2.83 -13.58
N ILE A 226 5.33 3.52 -13.59
CA ILE A 226 4.34 3.47 -12.50
C ILE A 226 3.04 2.91 -13.08
N SER A 227 2.29 2.15 -12.25
CA SER A 227 0.93 1.76 -12.59
C SER A 227 -0.05 2.35 -11.56
N GLY A 228 -1.32 2.37 -11.95
CA GLY A 228 -2.31 3.16 -11.25
C GLY A 228 -2.16 4.64 -11.53
N SER A 229 -3.19 5.37 -11.12
CA SER A 229 -3.25 6.79 -11.25
C SER A 229 -4.05 7.43 -10.12
N GLY A 230 -4.04 6.78 -8.96
CA GLY A 230 -4.72 7.30 -7.80
C GLY A 230 -3.71 7.92 -6.85
N ASN A 231 -4.04 7.85 -5.57
CA ASN A 231 -3.25 8.54 -4.58
C ASN A 231 -1.77 8.11 -4.56
N VAL A 232 -1.49 6.83 -4.55
CA VAL A 232 -0.11 6.35 -4.41
C VAL A 232 0.69 6.71 -5.70
N ALA A 233 0.09 6.41 -6.84
CA ALA A 233 0.77 6.62 -8.15
C ALA A 233 1.08 8.12 -8.38
N GLN A 234 0.10 8.97 -8.11
CA GLN A 234 0.24 10.41 -8.26
C GLN A 234 1.42 10.99 -7.52
N TYR A 235 1.52 10.66 -6.23
CA TYR A 235 2.56 11.29 -5.43
C TYR A 235 3.91 10.61 -5.58
N ALA A 236 3.95 9.31 -5.86
CA ALA A 236 5.19 8.66 -6.23
C ALA A 236 5.74 9.37 -7.51
N ALA A 237 4.87 9.63 -8.47
CA ALA A 237 5.27 10.33 -9.72
C ALA A 237 5.82 11.71 -9.43
N LEU A 238 5.14 12.46 -8.57
CA LEU A 238 5.62 13.79 -8.18
C LEU A 238 6.98 13.79 -7.50
N LYS A 239 7.23 12.84 -6.61
CA LYS A 239 8.52 12.76 -5.96
C LYS A 239 9.64 12.38 -6.97
N VAL A 240 9.36 11.39 -7.82
CA VAL A 240 10.31 11.01 -8.90
C VAL A 240 10.71 12.25 -9.70
N ILE A 241 9.72 13.02 -10.15
CA ILE A 241 9.96 14.23 -10.93
C ILE A 241 10.84 15.21 -10.16
N GLU A 242 10.50 15.46 -8.89
CA GLU A 242 11.29 16.34 -8.04
C GLU A 242 12.76 15.91 -7.91
N LEU A 243 13.04 14.61 -7.89
CA LEU A 243 14.38 14.10 -7.75
C LEU A 243 15.17 14.03 -9.10
N GLY A 244 14.52 14.47 -10.18
CA GLY A 244 15.15 14.51 -11.52
C GLY A 244 14.98 13.23 -12.32
N GLY A 245 14.04 12.38 -11.90
CA GLY A 245 13.71 11.16 -12.62
C GLY A 245 12.63 11.42 -13.62
N SER A 246 12.42 10.48 -14.52
CA SER A 246 11.34 10.55 -15.50
C SER A 246 10.25 9.53 -15.20
N VAL A 247 9.01 10.01 -15.15
CA VAL A 247 7.87 9.11 -15.03
C VAL A 247 7.33 8.79 -16.39
N VAL A 248 7.39 7.53 -16.77
CA VAL A 248 7.09 7.09 -18.15
C VAL A 248 5.81 6.33 -18.33
N SER A 249 5.05 6.11 -17.24
CA SER A 249 3.74 5.49 -17.37
C SER A 249 2.91 5.79 -16.13
N LEU A 250 1.61 5.81 -16.35
CA LEU A 250 0.56 5.67 -15.33
C LEU A 250 -0.49 4.75 -15.94
N SER A 251 -1.39 4.19 -15.13
CA SER A 251 -2.47 3.37 -15.66
C SER A 251 -3.71 3.39 -14.77
N ASP A 252 -4.79 2.82 -15.26
CA ASP A 252 -5.99 2.59 -14.45
C ASP A 252 -6.59 1.25 -14.83
N SER A 253 -7.82 0.97 -14.40
CA SER A 253 -8.41 -0.34 -14.60
C SER A 253 -8.75 -0.64 -16.08
N GLN A 254 -8.82 0.40 -16.90
CA GLN A 254 -9.16 0.23 -18.32
C GLN A 254 -7.98 0.29 -19.28
N GLY A 255 -6.85 0.87 -18.89
CA GLY A 255 -5.65 0.88 -19.75
C GLY A 255 -4.49 1.65 -19.20
N SER A 256 -3.42 1.76 -20.01
CA SER A 256 -2.19 2.42 -19.63
C SER A 256 -1.96 3.67 -20.47
N LEU A 257 -1.40 4.69 -19.84
CA LEU A 257 -1.06 5.95 -20.48
C LEU A 257 0.45 6.05 -20.35
N ILE A 258 1.13 5.89 -21.50
CA ILE A 258 2.58 5.75 -21.51
C ILE A 258 3.25 6.95 -22.22
N ILE A 259 4.43 7.32 -21.76
CA ILE A 259 5.20 8.38 -22.42
C ILE A 259 5.79 7.72 -23.66
N ASN A 260 5.68 8.41 -24.79
CA ASN A 260 6.14 7.87 -26.09
C ASN A 260 7.57 8.35 -26.30
N GLY A 261 8.55 7.50 -26.06
CA GLY A 261 9.96 7.87 -26.12
C GLY A 261 10.52 8.41 -24.82
N GLU A 262 11.51 9.28 -24.94
CA GLU A 262 12.10 9.96 -23.80
C GLU A 262 11.21 11.10 -23.38
N GLY A 263 11.13 11.31 -22.08
CA GLY A 263 10.32 12.39 -21.54
C GLY A 263 9.67 11.91 -20.24
N SER A 264 8.75 12.71 -19.76
CA SER A 264 8.13 12.46 -18.44
C SER A 264 6.79 13.13 -18.36
N PHE A 265 5.89 12.53 -17.57
CA PHE A 265 4.78 13.29 -17.04
C PHE A 265 5.33 14.49 -16.30
N THR A 266 4.60 15.59 -16.37
CA THR A 266 4.90 16.80 -15.61
C THR A 266 3.93 16.92 -14.40
N PRO A 267 4.29 17.76 -13.42
CA PRO A 267 3.36 18.02 -12.30
C PRO A 267 1.98 18.53 -12.74
N GLU A 268 1.96 19.38 -13.76
N GLU A 268 1.96 19.38 -13.76
CA GLU A 268 0.73 19.91 -14.30
CA GLU A 268 0.71 19.92 -14.31
C GLU A 268 -0.17 18.82 -14.89
C GLU A 268 -0.17 18.81 -14.88
N GLU A 269 0.44 17.86 -15.60
CA GLU A 269 -0.29 16.74 -16.15
C GLU A 269 -0.85 15.80 -15.04
N ILE A 270 -0.05 15.59 -14.02
CA ILE A 270 -0.49 14.75 -12.88
C ILE A 270 -1.70 15.40 -12.18
N GLU A 271 -1.68 16.73 -12.04
CA GLU A 271 -2.81 17.46 -11.48
C GLU A 271 -4.06 17.29 -12.31
N LEU A 272 -3.95 17.32 -13.64
CA LEU A 272 -5.11 17.07 -14.49
C LEU A 272 -5.65 15.66 -14.33
N ILE A 273 -4.76 14.69 -14.22
CA ILE A 273 -5.13 13.29 -13.99
C ILE A 273 -5.79 13.18 -12.60
N ALA A 274 -5.22 13.86 -11.60
CA ALA A 274 -5.80 13.87 -10.25
C ALA A 274 -7.25 14.37 -10.27
N GLN A 275 -7.49 15.48 -10.97
N GLN A 275 -7.46 15.50 -10.95
CA GLN A 275 -8.84 16.04 -11.06
CA GLN A 275 -8.80 16.09 -11.14
C GLN A 275 -9.79 15.10 -11.80
C GLN A 275 -9.76 15.10 -11.79
N THR A 276 -9.30 14.41 -12.82
CA THR A 276 -10.09 13.39 -13.51
C THR A 276 -10.54 12.24 -12.56
N LYS A 277 -9.60 11.81 -11.73
CA LYS A 277 -9.86 10.72 -10.79
C LYS A 277 -10.76 11.14 -9.62
N VAL A 278 -10.67 12.41 -9.21
CA VAL A 278 -11.64 12.98 -8.26
C VAL A 278 -13.06 12.80 -8.78
N GLU A 279 -13.23 13.01 -10.08
CA GLU A 279 -14.52 12.83 -10.76
C GLU A 279 -14.84 11.38 -11.10
N ARG A 280 -13.95 10.45 -10.72
CA ARG A 280 -14.14 9.00 -10.90
C ARG A 280 -14.24 8.64 -12.39
N LYS A 281 -13.46 9.34 -13.21
CA LYS A 281 -13.42 9.08 -14.65
C LYS A 281 -12.16 8.37 -15.02
N GLN A 282 -12.17 7.76 -16.20
CA GLN A 282 -11.05 6.95 -16.68
C GLN A 282 -10.06 7.80 -17.47
N LEU A 283 -8.81 7.34 -17.51
CA LEU A 283 -7.78 7.95 -18.38
C LEU A 283 -8.25 7.99 -19.85
N ALA A 284 -8.96 6.95 -20.29
CA ALA A 284 -9.56 6.91 -21.63
C ALA A 284 -10.42 8.12 -21.99
N SER A 285 -11.04 8.74 -20.98
CA SER A 285 -11.90 9.89 -21.19
C SER A 285 -11.17 11.22 -21.41
N ILE A 286 -9.87 11.27 -21.13
CA ILE A 286 -9.11 12.53 -21.29
C ILE A 286 -8.07 12.53 -22.43
N VAL A 287 -7.89 11.38 -23.09
CA VAL A 287 -6.92 11.27 -24.18
C VAL A 287 -7.41 11.85 -25.51
N GLY A 288 -8.69 12.26 -25.58
CA GLY A 288 -9.25 12.93 -26.74
C GLY A 288 -9.06 14.45 -26.77
N ALA A 289 -8.42 15.01 -25.75
CA ALA A 289 -8.16 16.45 -25.69
C ALA A 289 -6.78 16.70 -25.14
N ALA A 290 -6.32 17.95 -25.31
CA ALA A 290 -5.00 18.36 -24.90
C ALA A 290 -4.88 18.34 -23.36
N PRO A 291 -3.71 18.05 -22.79
CA PRO A 291 -2.46 17.69 -23.51
C PRO A 291 -2.34 16.23 -23.92
N PHE A 292 -3.24 15.37 -23.41
CA PHE A 292 -3.07 13.93 -23.54
C PHE A 292 -3.38 13.36 -24.94
N SER A 293 -4.04 14.15 -25.78
CA SER A 293 -4.23 13.84 -27.21
C SER A 293 -2.95 13.98 -28.06
N ASP A 294 -1.91 14.60 -27.51
CA ASP A 294 -0.63 14.70 -28.19
C ASP A 294 0.01 13.31 -28.29
N ALA A 295 -0.20 12.68 -29.45
CA ALA A 295 0.32 11.34 -29.69
C ALA A 295 1.83 11.25 -29.78
N ASN A 296 2.52 12.37 -29.90
CA ASN A 296 3.99 12.34 -29.82
C ASN A 296 4.48 12.22 -28.39
N LYS A 297 3.73 12.73 -27.41
CA LYS A 297 4.10 12.55 -25.99
C LYS A 297 3.46 11.33 -25.34
N PHE A 298 2.20 11.04 -25.68
CA PHE A 298 1.40 10.03 -24.98
C PHE A 298 0.88 8.94 -25.89
N LYS A 299 0.95 7.70 -25.40
CA LYS A 299 0.29 6.57 -26.01
C LYS A 299 -0.67 5.94 -25.00
N TYR A 300 -1.95 5.93 -25.33
CA TYR A 300 -2.97 5.24 -24.54
C TYR A 300 -3.18 3.86 -25.10
N ILE A 301 -3.00 2.84 -24.27
CA ILE A 301 -3.17 1.44 -24.66
C ILE A 301 -4.27 0.79 -23.83
N ALA A 302 -5.43 0.58 -24.46
CA ALA A 302 -6.59 -0.01 -23.84
C ALA A 302 -6.34 -1.46 -23.43
N GLY A 303 -6.75 -1.78 -22.20
CA GLY A 303 -6.68 -3.15 -21.70
C GLY A 303 -5.31 -3.63 -21.30
N ALA A 304 -4.32 -2.75 -21.30
CA ALA A 304 -2.93 -3.14 -21.02
C ALA A 304 -2.41 -2.60 -19.69
N ARG A 305 -1.51 -3.37 -19.10
CA ARG A 305 -0.60 -2.88 -18.07
C ARG A 305 0.64 -2.26 -18.73
N PRO A 306 1.35 -1.39 -17.99
CA PRO A 306 2.41 -0.63 -18.68
C PRO A 306 3.71 -1.37 -18.94
N TRP A 307 3.94 -2.50 -18.25
CA TRP A 307 5.29 -3.05 -18.07
C TRP A 307 5.98 -3.42 -19.42
N VAL A 308 5.23 -4.05 -20.32
CA VAL A 308 5.80 -4.48 -21.61
C VAL A 308 5.82 -3.38 -22.68
N HIS A 309 5.24 -2.22 -22.39
CA HIS A 309 5.08 -1.13 -23.35
C HIS A 309 5.96 0.07 -23.12
N VAL A 310 6.68 0.11 -22.00
CA VAL A 310 7.50 1.29 -21.67
C VAL A 310 8.92 1.23 -22.22
N GLY A 311 9.28 0.11 -22.84
CA GLY A 311 10.64 -0.10 -23.33
C GLY A 311 11.60 -0.21 -22.17
N LYS A 312 12.78 0.40 -22.32
CA LYS A 312 13.81 0.36 -21.30
C LYS A 312 13.36 1.21 -20.11
N VAL A 313 13.48 0.63 -18.93
CA VAL A 313 13.21 1.34 -17.68
C VAL A 313 14.17 0.89 -16.63
N ASP A 314 14.40 1.76 -15.64
CA ASP A 314 15.32 1.52 -14.55
C ASP A 314 14.64 1.09 -13.23
N VAL A 315 13.41 1.58 -13.04
CA VAL A 315 12.65 1.40 -11.78
C VAL A 315 11.20 1.15 -12.15
N ALA A 316 10.58 0.17 -11.48
CA ALA A 316 9.16 -0.08 -11.65
C ALA A 316 8.48 0.03 -10.24
N LEU A 317 7.38 0.78 -10.19
CA LEU A 317 6.61 1.04 -8.93
C LEU A 317 5.15 0.71 -9.19
N PRO A 318 4.79 -0.58 -9.14
CA PRO A 318 3.38 -0.92 -9.25
C PRO A 318 2.61 -0.26 -8.07
N SER A 319 1.58 0.49 -8.40
CA SER A 319 0.90 1.36 -7.41
C SER A 319 -0.62 1.36 -7.59
N ALA A 320 -1.17 0.27 -8.12
CA ALA A 320 -2.61 0.15 -8.41
C ALA A 320 -3.31 -0.84 -7.47
N THR A 321 -2.92 -2.11 -7.55
CA THR A 321 -3.73 -3.20 -6.96
C THR A 321 -2.89 -4.47 -6.86
N GLN A 322 -3.44 -5.50 -6.18
CA GLN A 322 -2.73 -6.75 -6.01
C GLN A 322 -2.58 -7.53 -7.35
N ASN A 323 -1.49 -8.27 -7.45
CA ASN A 323 -1.25 -9.24 -8.54
C ASN A 323 -1.25 -8.58 -9.91
N GLU A 324 -0.62 -7.41 -9.98
CA GLU A 324 -0.59 -6.60 -11.19
C GLU A 324 0.75 -6.68 -11.97
N ILE A 325 1.71 -7.45 -11.48
CA ILE A 325 2.92 -7.83 -12.25
C ILE A 325 2.98 -9.36 -12.31
N SER A 326 2.70 -9.92 -13.50
CA SER A 326 2.78 -11.37 -13.72
C SER A 326 4.23 -11.84 -13.78
N GLY A 327 4.41 -13.16 -13.77
CA GLY A 327 5.76 -13.75 -13.96
C GLY A 327 6.39 -13.32 -15.30
N GLU A 328 5.60 -13.32 -16.36
CA GLU A 328 6.07 -12.91 -17.69
C GLU A 328 6.47 -11.43 -17.69
N GLU A 329 5.62 -10.59 -17.08
CA GLU A 329 5.92 -9.18 -16.96
C GLU A 329 7.16 -8.91 -16.17
N ALA A 330 7.42 -9.71 -15.14
CA ALA A 330 8.64 -9.58 -14.36
C ALA A 330 9.89 -9.83 -15.25
N GLN A 331 9.82 -10.88 -16.06
CA GLN A 331 10.94 -11.18 -16.99
C GLN A 331 11.16 -10.07 -18.00
N VAL A 332 10.07 -9.52 -18.56
CA VAL A 332 10.27 -8.39 -19.48
C VAL A 332 10.88 -7.17 -18.81
N LEU A 333 10.51 -6.88 -17.55
CA LEU A 333 11.13 -5.76 -16.87
C LEU A 333 12.63 -6.02 -16.70
N ILE A 334 13.00 -7.22 -16.31
CA ILE A 334 14.40 -7.59 -16.17
C ILE A 334 15.13 -7.37 -17.53
N ASN A 335 14.52 -7.85 -18.60
CA ASN A 335 15.08 -7.74 -19.95
C ASN A 335 15.18 -6.29 -20.43
N ALA A 336 14.31 -5.43 -19.90
CA ALA A 336 14.35 -3.99 -20.16
C ALA A 336 15.34 -3.19 -19.34
N GLY A 337 16.14 -3.85 -18.53
CA GLY A 337 17.16 -3.17 -17.74
C GLY A 337 16.69 -2.70 -16.35
N CYS A 338 15.49 -3.09 -15.96
CA CYS A 338 14.95 -2.67 -14.64
C CYS A 338 15.80 -3.27 -13.54
N LYS A 339 16.33 -2.41 -12.66
CA LYS A 339 17.14 -2.84 -11.54
C LYS A 339 16.49 -2.64 -10.14
N PHE A 340 15.31 -2.01 -10.08
CA PHE A 340 14.66 -1.71 -8.78
C PHE A 340 13.16 -1.85 -8.97
N ILE A 341 12.53 -2.67 -8.13
CA ILE A 341 11.10 -2.82 -8.21
C ILE A 341 10.60 -2.78 -6.75
N ALA A 342 9.71 -1.84 -6.48
CA ALA A 342 9.15 -1.65 -5.13
C ALA A 342 7.65 -1.54 -5.23
N GLU A 343 6.94 -2.21 -4.31
CA GLU A 343 5.48 -2.21 -4.36
C GLU A 343 4.89 -1.00 -3.65
N GLY A 344 4.30 -0.11 -4.42
CA GLY A 344 3.37 0.89 -3.88
C GLY A 344 2.06 0.19 -3.52
N SER A 345 1.56 -0.66 -4.42
CA SER A 345 0.35 -1.44 -4.17
C SER A 345 0.62 -2.58 -3.19
N ASN A 346 -0.40 -2.92 -2.38
CA ASN A 346 -0.29 -4.08 -1.52
C ASN A 346 -0.34 -5.37 -2.36
N MET A 347 0.65 -6.23 -2.14
CA MET A 347 0.84 -7.49 -2.87
C MET A 347 0.81 -7.25 -4.40
N GLY A 348 1.41 -6.15 -4.82
CA GLY A 348 1.45 -5.79 -6.24
C GLY A 348 2.01 -6.88 -7.16
N CYS A 349 3.08 -7.53 -6.72
CA CYS A 349 3.67 -8.63 -7.48
C CYS A 349 2.98 -9.94 -7.24
N THR A 350 2.67 -10.67 -8.32
CA THR A 350 2.34 -12.09 -8.22
C THR A 350 3.49 -12.86 -7.61
N GLN A 351 3.19 -14.05 -7.09
CA GLN A 351 4.23 -14.89 -6.53
C GLN A 351 5.30 -15.25 -7.61
N GLU A 352 4.83 -15.46 -8.83
CA GLU A 352 5.72 -15.78 -9.97
C GLU A 352 6.70 -14.65 -10.21
N ALA A 353 6.20 -13.42 -10.14
CA ALA A 353 7.05 -12.24 -10.24
C ALA A 353 8.08 -12.17 -9.15
N ILE A 354 7.64 -12.37 -7.90
CA ILE A 354 8.57 -12.33 -6.78
C ILE A 354 9.68 -13.39 -6.97
N ASP A 355 9.29 -14.60 -7.31
CA ASP A 355 10.24 -15.70 -7.48
C ASP A 355 11.28 -15.38 -8.59
N THR A 356 10.80 -14.76 -9.66
CA THR A 356 11.63 -14.31 -10.78
C THR A 356 12.64 -13.25 -10.32
N PHE A 357 12.15 -12.23 -9.61
CA PHE A 357 13.04 -11.20 -9.10
C PHE A 357 14.07 -11.72 -8.10
N GLU A 358 13.65 -12.62 -7.22
CA GLU A 358 14.53 -13.15 -6.20
C GLU A 358 15.59 -14.11 -6.77
N ALA A 359 15.17 -14.94 -7.72
CA ALA A 359 16.12 -15.80 -8.47
C ALA A 359 17.18 -14.95 -9.18
N HIS A 360 16.74 -13.86 -9.79
CA HIS A 360 17.67 -12.95 -10.45
C HIS A 360 18.66 -12.32 -9.50
N ARG A 361 18.18 -11.89 -8.34
CA ARG A 361 19.06 -11.34 -7.31
C ARG A 361 20.15 -12.34 -6.88
N THR A 362 19.76 -13.60 -6.68
CA THR A 362 20.67 -14.66 -6.22
CA THR A 362 20.72 -14.62 -6.21
C THR A 362 21.72 -15.01 -7.30
N ALA A 363 21.32 -14.88 -8.57
CA ALA A 363 22.18 -15.23 -9.73
C ALA A 363 23.09 -14.11 -10.22
N ASN A 364 22.89 -12.87 -9.74
CA ASN A 364 23.58 -11.70 -10.29
C ASN A 364 24.16 -10.84 -9.19
N ALA A 365 25.48 -10.66 -9.21
CA ALA A 365 26.16 -9.94 -8.16
C ALA A 365 25.90 -8.43 -8.20
N GLY A 366 25.76 -7.84 -7.02
CA GLY A 366 25.70 -6.40 -6.85
C GLY A 366 24.66 -5.69 -7.69
N ALA A 367 25.07 -4.56 -8.28
CA ALA A 367 24.20 -3.73 -9.10
C ALA A 367 23.62 -4.37 -10.35
N ALA A 368 24.11 -5.55 -10.76
CA ALA A 368 23.54 -6.28 -11.89
C ALA A 368 22.17 -6.92 -11.59
N ALA A 369 21.87 -7.13 -10.31
CA ALA A 369 20.59 -7.70 -9.88
C ALA A 369 19.46 -6.68 -9.93
N ILE A 370 18.27 -7.17 -10.28
CA ILE A 370 17.01 -6.47 -10.00
C ILE A 370 16.70 -6.70 -8.50
N TRP A 371 16.49 -5.61 -7.76
CA TRP A 371 16.24 -5.69 -6.30
C TRP A 371 14.76 -5.38 -6.04
N TYR A 372 14.07 -6.34 -5.43
CA TYR A 372 12.64 -6.30 -5.13
C TYR A 372 12.45 -5.87 -3.66
N ALA A 373 11.64 -4.84 -3.44
CA ALA A 373 11.22 -4.44 -2.08
C ALA A 373 9.72 -4.67 -1.95
N PRO A 374 9.30 -5.39 -0.90
CA PRO A 374 7.88 -5.69 -0.70
C PRO A 374 7.11 -4.46 -0.20
N GLY A 375 5.81 -4.43 -0.48
CA GLY A 375 4.94 -3.33 -0.08
C GLY A 375 4.97 -3.03 1.41
N LYS A 376 5.06 -4.06 2.23
CA LYS A 376 5.08 -3.85 3.68
C LYS A 376 6.25 -3.00 4.13
N ALA A 377 7.34 -2.97 3.34
CA ALA A 377 8.43 -2.06 3.61
C ALA A 377 8.24 -0.74 2.87
N ALA A 378 8.08 -0.82 1.55
CA ALA A 378 8.17 0.37 0.71
C ALA A 378 6.96 1.29 0.76
N ASN A 379 5.76 0.74 1.00
CA ASN A 379 4.53 1.54 1.02
C ASN A 379 4.07 1.95 2.44
N ALA A 380 4.90 1.67 3.44
CA ALA A 380 4.62 1.91 4.86
C ALA A 380 4.56 3.37 5.25
N GLY A 381 5.03 4.25 4.35
CA GLY A 381 4.99 5.68 4.60
C GLY A 381 3.60 6.24 4.84
N GLY A 382 2.59 5.65 4.21
CA GLY A 382 1.21 6.15 4.32
C GLY A 382 0.71 5.93 5.74
N VAL A 383 0.76 4.68 6.16
CA VAL A 383 0.31 4.32 7.52
C VAL A 383 1.19 5.00 8.59
N ALA A 384 2.50 5.17 8.30
CA ALA A 384 3.37 5.91 9.20
C ALA A 384 2.88 7.33 9.42
N VAL A 385 2.57 8.02 8.34
CA VAL A 385 2.05 9.39 8.46
C VAL A 385 0.63 9.40 9.07
N SER A 386 -0.17 8.36 8.82
CA SER A 386 -1.42 8.21 9.59
C SER A 386 -1.15 8.14 11.09
N GLY A 387 -0.10 7.40 11.51
CA GLY A 387 0.31 7.36 12.89
C GLY A 387 0.67 8.73 13.42
N LEU A 388 1.32 9.52 12.60
CA LEU A 388 1.67 10.89 12.95
C LEU A 388 0.45 11.79 13.01
N GLU A 389 -0.55 11.51 12.19
CA GLU A 389 -1.82 12.24 12.23
C GLU A 389 -2.50 11.91 13.57
N MET A 390 -2.49 10.62 13.94
CA MET A 390 -2.98 10.23 15.29
C MET A 390 -2.23 10.95 16.42
N ALA A 391 -0.90 11.02 16.32
CA ALA A 391 -0.08 11.75 17.29
C ALA A 391 -0.44 13.23 17.38
N GLN A 392 -0.64 13.85 16.23
CA GLN A 392 -1.04 15.25 16.18
C GLN A 392 -2.43 15.44 16.81
N ASN A 393 -3.37 14.55 16.49
CA ASN A 393 -4.72 14.66 17.06
C ASN A 393 -4.69 14.47 18.59
N SER A 394 -3.87 13.54 19.06
CA SER A 394 -3.71 13.32 20.51
C SER A 394 -3.01 14.49 21.22
N ALA A 395 -2.07 15.15 20.53
CA ALA A 395 -1.46 16.40 21.03
C ALA A 395 -2.39 17.62 20.91
N ARG A 396 -3.42 17.51 20.09
CA ARG A 396 -4.35 18.61 19.78
C ARG A 396 -3.63 19.80 19.10
N LEU A 397 -2.63 19.49 18.28
CA LEU A 397 -1.83 20.49 17.57
C LEU A 397 -1.55 19.95 16.17
N SER A 398 -1.17 20.84 15.27
CA SER A 398 -0.84 20.49 13.89
C SER A 398 0.64 20.78 13.69
N TRP A 399 1.36 19.84 13.08
CA TRP A 399 2.78 20.02 12.76
C TRP A 399 2.97 20.61 11.37
N THR A 400 4.17 21.12 11.11
CA THR A 400 4.48 21.68 9.78
C THR A 400 4.72 20.57 8.77
N SER A 401 4.59 20.91 7.51
CA SER A 401 4.93 20.02 6.42
C SER A 401 6.35 19.49 6.56
N GLU A 402 7.28 20.36 6.94
CA GLU A 402 8.68 19.99 7.06
C GLU A 402 8.93 18.99 8.18
N GLU A 403 8.20 19.15 9.29
CA GLU A 403 8.30 18.26 10.42
C GLU A 403 7.78 16.86 10.07
N VAL A 404 6.63 16.81 9.42
CA VAL A 404 6.04 15.50 9.07
C VAL A 404 6.92 14.80 8.04
N ASP A 405 7.33 15.54 7.03
CA ASP A 405 8.17 14.99 5.96
C ASP A 405 9.51 14.49 6.47
N ALA A 406 10.14 15.23 7.37
CA ALA A 406 11.39 14.77 8.01
C ALA A 406 11.22 13.46 8.75
N ARG A 407 10.11 13.34 9.50
CA ARG A 407 9.85 12.10 10.20
C ARG A 407 9.59 10.96 9.24
N LEU A 408 8.83 11.21 8.17
CA LEU A 408 8.59 10.22 7.12
C LEU A 408 9.93 9.72 6.51
N LYS A 409 10.82 10.64 6.19
CA LYS A 409 12.16 10.28 5.66
C LYS A 409 12.92 9.38 6.62
N ASP A 410 12.92 9.72 7.91
CA ASP A 410 13.59 8.90 8.93
C ASP A 410 12.97 7.50 9.06
N ILE A 411 11.65 7.44 9.02
CA ILE A 411 10.95 6.16 9.10
C ILE A 411 11.29 5.26 7.90
N MET A 412 11.30 5.83 6.70
CA MET A 412 11.61 5.04 5.51
C MET A 412 13.07 4.55 5.55
N ARG A 413 13.98 5.40 5.98
CA ARG A 413 15.40 5.01 6.15
C ARG A 413 15.55 3.85 7.14
N ASP A 414 14.92 3.96 8.31
CA ASP A 414 15.00 2.92 9.33
C ASP A 414 14.36 1.63 8.87
N CYS A 415 13.26 1.74 8.12
CA CYS A 415 12.60 0.55 7.60
C CYS A 415 13.53 -0.19 6.62
N PHE A 416 14.14 0.56 5.72
CA PHE A 416 15.11 -0.03 4.78
C PHE A 416 16.27 -0.70 5.53
N LYS A 417 16.86 0.03 6.46
CA LYS A 417 17.99 -0.50 7.26
C LYS A 417 17.63 -1.78 8.01
N ASN A 418 16.43 -1.79 8.60
CA ASN A 418 15.97 -2.92 9.35
C ASN A 418 15.82 -4.16 8.46
N GLY A 419 15.17 -4.01 7.30
CA GLY A 419 15.02 -5.13 6.39
C GLY A 419 16.39 -5.63 5.88
N LEU A 420 17.25 -4.70 5.49
CA LEU A 420 18.60 -5.02 4.98
C LEU A 420 19.42 -5.78 6.03
N GLU A 421 19.52 -5.22 7.22
CA GLU A 421 20.32 -5.82 8.29
C GLU A 421 19.74 -7.13 8.80
N THR A 422 18.40 -7.25 8.84
CA THR A 422 17.78 -8.48 9.26
C THR A 422 18.03 -9.60 8.27
N ALA A 423 17.97 -9.27 6.99
CA ALA A 423 18.30 -10.26 5.96
C ALA A 423 19.79 -10.69 6.05
N GLN A 424 20.68 -9.74 6.30
CA GLN A 424 22.12 -10.04 6.43
CA GLN A 424 22.12 -10.00 6.46
C GLN A 424 22.38 -10.98 7.60
N GLU A 425 21.60 -10.83 8.68
CA GLU A 425 21.71 -11.65 9.88
C GLU A 425 21.07 -13.04 9.74
N TYR A 426 19.84 -13.13 9.23
CA TYR A 426 19.09 -14.40 9.21
C TYR A 426 19.01 -15.15 7.90
N ALA A 427 19.36 -14.49 6.81
CA ALA A 427 19.28 -15.09 5.49
C ALA A 427 20.48 -14.59 4.67
N THR A 428 21.68 -14.78 5.24
CA THR A 428 22.90 -14.13 4.75
C THR A 428 23.14 -14.50 3.29
N PRO A 429 23.22 -13.50 2.40
CA PRO A 429 23.43 -13.81 0.99
C PRO A 429 24.90 -14.23 0.72
N ALA A 430 25.12 -14.93 -0.40
CA ALA A 430 26.51 -15.15 -0.92
C ALA A 430 27.24 -13.82 -1.05
N GLU A 431 28.57 -13.84 -0.91
CA GLU A 431 29.36 -12.62 -1.04
C GLU A 431 29.08 -11.93 -2.38
N GLY A 432 28.98 -10.61 -2.34
CA GLY A 432 28.57 -9.81 -3.50
C GLY A 432 27.07 -9.78 -3.85
N VAL A 433 26.26 -10.64 -3.24
CA VAL A 433 24.82 -10.71 -3.56
C VAL A 433 24.04 -9.76 -2.63
N LEU A 434 23.09 -9.00 -3.19
CA LEU A 434 22.23 -8.11 -2.39
C LEU A 434 21.39 -8.96 -1.42
N PRO A 435 21.30 -8.53 -0.15
CA PRO A 435 20.39 -9.25 0.75
C PRO A 435 18.91 -9.11 0.32
N SER A 436 18.10 -10.10 0.63
CA SER A 436 16.68 -10.10 0.28
C SER A 436 15.91 -9.13 1.20
N LEU A 437 15.43 -8.05 0.63
CA LEU A 437 14.59 -7.10 1.35
C LEU A 437 13.22 -7.70 1.71
N VAL A 438 12.69 -8.58 0.88
CA VAL A 438 11.43 -9.28 1.21
C VAL A 438 11.63 -10.21 2.42
N THR A 439 12.66 -11.06 2.40
CA THR A 439 12.93 -11.90 3.55
C THR A 439 13.25 -11.08 4.80
N GLY A 440 14.11 -10.09 4.68
CA GLY A 440 14.49 -9.25 5.80
C GLY A 440 13.31 -8.49 6.45
N SER A 441 12.50 -7.87 5.61
CA SER A 441 11.32 -7.14 6.06
C SER A 441 10.32 -8.06 6.74
N ASN A 442 10.09 -9.24 6.15
CA ASN A 442 9.17 -10.20 6.73
C ASN A 442 9.63 -10.68 8.10
N ILE A 443 10.90 -11.05 8.22
CA ILE A 443 11.43 -11.48 9.51
C ILE A 443 11.38 -10.34 10.52
N ALA A 444 11.77 -9.14 10.12
CA ALA A 444 11.81 -8.03 11.08
C ALA A 444 10.41 -7.67 11.62
N GLY A 445 9.42 -7.62 10.73
CA GLY A 445 8.04 -7.34 11.15
C GLY A 445 7.42 -8.45 11.97
N PHE A 446 7.58 -9.69 11.51
CA PHE A 446 7.05 -10.84 12.20
C PHE A 446 7.62 -11.02 13.58
N THR A 447 8.94 -10.94 13.73
CA THR A 447 9.53 -11.18 15.06
C THR A 447 9.10 -10.12 16.07
N LYS A 448 8.99 -8.86 15.65
CA LYS A 448 8.56 -7.81 16.55
C LYS A 448 7.13 -8.10 17.08
N VAL A 449 6.24 -8.48 16.16
CA VAL A 449 4.88 -8.82 16.51
C VAL A 449 4.81 -10.08 17.39
N ALA A 450 5.53 -11.13 16.99
CA ALA A 450 5.49 -12.40 17.71
C ALA A 450 5.96 -12.23 19.14
N ALA A 451 7.04 -11.47 19.32
CA ALA A 451 7.62 -11.23 20.66
C ALA A 451 6.64 -10.41 21.55
N ALA A 452 6.04 -9.37 20.99
CA ALA A 452 5.02 -8.57 21.72
C ALA A 452 3.79 -9.41 22.11
N MET A 453 3.34 -10.27 21.20
CA MET A 453 2.27 -11.23 21.47
C MET A 453 2.62 -12.15 22.63
N LYS A 454 3.86 -12.67 22.63
CA LYS A 454 4.29 -13.51 23.72
C LYS A 454 4.30 -12.77 25.05
N ASP A 455 4.79 -11.54 25.05
CA ASP A 455 4.82 -10.72 26.25
C ASP A 455 3.41 -10.53 26.82
N GLN A 456 2.44 -10.40 25.91
CA GLN A 456 1.07 -10.12 26.30
C GLN A 456 0.19 -11.36 26.52
N GLY A 457 0.79 -12.53 26.39
CA GLY A 457 0.11 -13.78 26.64
C GLY A 457 -0.81 -14.26 25.55
N ASP A 458 -0.64 -13.75 24.32
CA ASP A 458 -1.46 -14.23 23.20
C ASP A 458 -1.10 -15.65 22.79
N TRP A 459 0.18 -16.01 22.99
CA TRP A 459 0.65 -17.39 22.87
C TRP A 459 1.74 -17.57 23.94
N TRP A 460 2.10 -18.80 24.21
CA TRP A 460 3.16 -19.13 25.18
C TRP A 460 3.78 -20.45 24.75
PA NAP B . -6.89 4.85 -5.39
O1A NAP B . -6.55 6.31 -5.23
O2A NAP B . -8.27 4.37 -5.44
O5B NAP B . -6.25 4.40 -6.81
C5B NAP B . -6.26 3.04 -7.21
C4B NAP B . -5.72 3.02 -8.65
O4B NAP B . -5.54 1.65 -9.00
C3B NAP B . -6.66 3.61 -9.69
O3B NAP B . -5.90 4.16 -10.80
C2B NAP B . -7.47 2.39 -10.08
O2B NAP B . -8.09 2.41 -11.36
C1B NAP B . -6.47 1.27 -10.02
N9A NAP B . -7.13 -0.01 -9.68
C8A NAP B . -7.77 -0.28 -8.51
N7A NAP B . -8.27 -1.55 -8.51
C5A NAP B . -7.93 -2.08 -9.69
C6A NAP B . -8.16 -3.38 -10.32
N6A NAP B . -8.84 -4.31 -9.62
N1A NAP B . -7.66 -3.58 -11.56
C2A NAP B . -6.97 -2.61 -12.20
N3A NAP B . -6.72 -1.39 -11.68
C4A NAP B . -7.19 -1.08 -10.45
O3 NAP B . -6.06 3.94 -4.38
PN NAP B . -4.60 4.14 -3.72
O1N NAP B . -3.74 4.89 -4.69
O2N NAP B . -4.76 4.67 -2.33
O5D NAP B . -4.16 2.62 -3.61
C5D NAP B . -3.30 1.98 -4.59
C4D NAP B . -2.56 0.81 -3.99
O4D NAP B . -1.71 1.28 -2.95
C3D NAP B . -3.46 -0.26 -3.34
O3D NAP B . -2.89 -1.55 -3.50
C2D NAP B . -3.48 0.15 -1.88
O2D NAP B . -3.92 -0.89 -0.97
C1D NAP B . -2.02 0.56 -1.72
N1N NAP B . -1.68 1.41 -0.58
C2N NAP B . -2.33 2.55 -0.36
C3N NAP B . -2.00 3.38 0.73
C7N NAP B . -2.66 4.71 0.94
O7N NAP B . -2.19 5.43 1.85
N7N NAP B . -3.58 5.20 0.09
C4N NAP B . -0.95 2.98 1.56
C5N NAP B . -0.26 1.81 1.28
C6N NAP B . -0.61 1.04 0.19
P2B NAP B . -9.45 3.22 -11.68
O1X NAP B . -8.93 4.69 -11.64
O2X NAP B . -10.46 3.18 -10.66
O3X NAP B . -9.88 2.58 -13.00
N01 8GL C . -3.96 1.60 2.53
C02 8GL C . -3.64 1.42 4.12
O03 8GL C . -4.60 0.59 4.29
C04 8GL C . -3.86 2.91 4.67
C05 8GL C . -4.12 2.86 6.15
C06 8GL C . -3.67 4.09 6.92
O07 8GL C . -2.99 4.97 6.36
O08 8GL C . -4.03 4.16 8.12
C09 8GL C . -2.19 0.71 4.33
O10 8GL C . -1.32 1.09 5.15
O11 8GL C . -2.04 -0.29 3.52
OAC 2IT D . -2.39 -0.09 2.76
CAJ 2IT D . -2.02 0.85 3.48
OAE 2IT D . -1.01 0.76 4.24
CAI 2IT D . -2.89 2.05 3.49
NAA 2IT D . -4.00 2.19 2.71
CAG 2IT D . -2.72 3.12 4.57
CAF 2IT D . -3.69 2.86 5.68
CAH 2IT D . -3.64 3.84 6.83
OAB 2IT D . -4.14 3.44 7.92
OAD 2IT D . -3.16 4.97 6.66
C1 GOL E . -5.90 7.97 0.96
O1 GOL E . -6.08 6.59 1.26
C2 GOL E . -4.89 8.42 1.98
O2 GOL E . -4.58 9.80 1.70
C3 GOL E . -5.34 8.12 3.44
O3 GOL E . -6.74 8.13 3.80
C1 GOL F . -17.99 -3.67 20.59
O1 GOL F . -17.18 -4.79 20.85
C2 GOL F . -19.39 -4.18 20.73
O2 GOL F . -19.94 -3.69 21.96
C3 GOL F . -20.16 -3.67 19.53
O3 GOL F . -21.50 -4.10 19.69
C1 GOL G . 11.18 -0.69 12.17
O1 GOL G . 11.82 -0.72 10.88
C2 GOL G . 12.11 -0.41 13.29
O2 GOL G . 12.07 0.99 13.58
C3 GOL G . 11.66 -1.26 14.48
O3 GOL G . 10.69 -0.55 15.25
C1 GOL H . 9.28 18.61 -0.97
O1 GOL H . 10.70 18.41 -1.09
C2 GOL H . 8.82 17.97 0.35
O2 GOL H . 9.09 16.57 0.35
C3 GOL H . 7.32 18.10 0.56
O3 GOL H . 6.90 19.42 0.97
C1 GOL I . -11.60 -15.83 13.11
O1 GOL I . -11.30 -14.48 13.45
C2 GOL I . -11.22 -16.13 11.66
O2 GOL I . -11.57 -17.47 11.35
C3 GOL I . -11.91 -15.21 10.64
O3 GOL I . -11.29 -15.39 9.38
C1 GOL J . 2.18 -5.95 -19.36
O1 GOL J . 2.48 -4.61 -19.63
C2 GOL J . 1.24 -6.69 -20.31
O2 GOL J . 1.56 -8.02 -20.11
C3 GOL J . -0.25 -6.70 -20.03
O3 GOL J . -0.97 -5.64 -20.61
C1 GOL K . -8.12 -2.55 20.70
O1 GOL K . -7.29 -2.09 19.68
C2 GOL K . -7.37 -3.77 21.26
O2 GOL K . -7.02 -3.54 22.63
C3 GOL K . -8.29 -4.94 21.15
O3 GOL K . -7.66 -6.12 21.55
C1 GOL L . 20.39 5.57 -15.46
O1 GOL L . 20.75 4.45 -14.65
C2 GOL L . 21.29 6.74 -15.13
O2 GOL L . 21.00 7.85 -15.98
C3 GOL L . 21.05 7.24 -13.73
O3 GOL L . 21.60 6.39 -12.72
C1 GOL M . 11.74 -6.74 18.30
O1 GOL M . 10.97 -6.49 19.48
C2 GOL M . 11.97 -8.23 18.22
O2 GOL M . 12.40 -8.54 16.90
C3 GOL M . 13.03 -8.66 19.23
O3 GOL M . 12.78 -9.96 19.78
C1 GOL N . -2.61 -14.75 -8.74
O1 GOL N . -3.69 -15.51 -9.26
C2 GOL N . -1.41 -15.67 -8.59
O2 GOL N . -0.65 -15.67 -9.82
C3 GOL N . -0.55 -15.17 -7.43
O3 GOL N . 0.81 -15.53 -7.53
C1 GOL O . 6.37 -0.57 18.46
O1 GOL O . 5.92 -0.96 17.18
C2 GOL O . 7.33 0.60 18.38
O2 GOL O . 7.02 1.60 19.38
C3 GOL O . 8.80 0.17 18.46
O3 GOL O . 9.57 1.00 19.33
C1 GOL P . -5.24 -2.05 -17.12
O1 GOL P . -4.18 -1.57 -16.27
C2 GOL P . -5.38 -3.57 -17.04
O2 GOL P . -5.51 -3.97 -15.66
C3 GOL P . -6.58 -4.17 -17.80
O3 GOL P . -7.55 -3.28 -18.39
C1 GOL Q . -4.43 -5.02 -12.56
O1 GOL Q . -3.74 -4.69 -13.77
C2 GOL Q . -5.32 -6.29 -12.57
O2 GOL Q . -5.34 -6.90 -13.87
C3 GOL Q . -4.81 -7.23 -11.50
O3 GOL Q . -5.55 -8.46 -11.34
C1 GOL R . 7.50 17.81 14.96
O1 GOL R . 8.38 16.72 14.66
C2 GOL R . 6.96 17.83 16.40
O2 GOL R . 7.70 17.03 17.32
C3 GOL R . 6.99 19.28 16.89
O3 GOL R . 6.35 19.37 18.18
C1 GOL S . -2.58 -20.87 8.65
O1 GOL S . -3.17 -20.91 9.96
C2 GOL S . -3.67 -20.64 7.62
O2 GOL S . -4.48 -19.59 8.13
C3 GOL S . -3.12 -20.23 6.26
O3 GOL S . -4.05 -20.43 5.20
C1 GOL T . 0.09 -24.66 18.25
O1 GOL T . 1.06 -23.71 18.72
C2 GOL T . -0.32 -24.35 16.82
O2 GOL T . 0.68 -24.86 15.92
C3 GOL T . -1.67 -25.01 16.53
O3 GOL T . -2.78 -24.15 16.83
C1 GOL U . -6.17 15.92 3.16
O1 GOL U . -7.30 16.18 2.32
C2 GOL U . -5.35 17.16 3.45
O2 GOL U . -6.22 18.30 3.62
C3 GOL U . -4.48 17.00 4.70
O3 GOL U . -3.89 18.28 5.01
C1 GOL V . 2.19 24.39 12.05
O1 GOL V . 2.15 24.69 13.45
C2 GOL V . 0.79 24.44 11.49
O2 GOL V . 0.51 25.79 11.12
C3 GOL V . 0.63 23.49 10.30
O3 GOL V . -0.06 24.14 9.22
C1 GOL W . -18.47 9.30 -14.01
O1 GOL W . -18.63 8.60 -15.25
C2 GOL W . -18.83 8.39 -12.83
O2 GOL W . -17.87 7.33 -12.68
C3 GOL W . -18.93 9.25 -11.58
O3 GOL W . -19.24 8.49 -10.39
C1 GOL X . -11.47 -14.88 -4.32
O1 GOL X . -11.33 -14.31 -3.01
C2 GOL X . -11.96 -13.83 -5.32
O2 GOL X . -11.25 -12.59 -5.22
C3 GOL X . -11.79 -14.36 -6.75
O3 GOL X . -12.81 -15.32 -7.06
C1 GOL Y . 14.77 -3.57 -24.52
O1 GOL Y . 14.61 -4.98 -24.51
C2 GOL Y . 13.62 -2.94 -25.30
O2 GOL Y . 12.39 -3.27 -24.64
C3 GOL Y . 13.77 -1.43 -25.34
O3 GOL Y . 13.11 -0.81 -26.45
C1 GOL Z . -13.31 6.38 22.03
O1 GOL Z . -13.69 5.64 20.87
C2 GOL Z . -11.84 6.04 22.23
O2 GOL Z . -11.29 6.77 23.34
C3 GOL Z . -11.77 4.53 22.48
O3 GOL Z . -11.37 3.81 21.31
C1 GOL AA . -0.70 -18.83 -4.41
O1 GOL AA . 0.58 -18.56 -3.79
C2 GOL AA . -1.84 -19.16 -3.41
O2 GOL AA . -3.03 -18.43 -3.74
C3 GOL AA . -2.27 -20.62 -3.44
O3 GOL AA . -3.46 -20.85 -2.63
C1 GOL BA . 5.31 22.32 18.08
O1 GOL BA . 4.71 21.41 19.01
C2 GOL BA . 4.33 22.84 17.03
O2 GOL BA . 4.57 22.11 15.81
C3 GOL BA . 2.86 22.67 17.41
O3 GOL BA . 2.01 23.67 16.81
C1 GOL CA . -3.55 10.06 -27.60
O1 GOL CA . -2.27 10.48 -27.13
C2 GOL CA . -3.70 8.56 -27.47
O2 GOL CA . -5.00 8.13 -27.92
C3 GOL CA . -2.66 7.88 -28.34
O3 GOL CA . -2.77 6.45 -28.24
C1 GOL DA . 27.31 -16.30 2.90
O1 GOL DA . 28.56 -15.85 3.47
C2 GOL DA . 27.04 -17.76 3.21
O2 GOL DA . 26.95 -17.95 4.62
C3 GOL DA . 25.72 -18.22 2.59
O3 GOL DA . 25.84 -18.59 1.21
C1 GOL EA . -1.69 24.95 16.64
O1 GOL EA . -1.16 23.92 15.78
C2 GOL EA . -0.70 26.07 16.99
O2 GOL EA . -1.17 27.31 16.45
C3 GOL EA . -0.57 26.27 18.51
O3 GOL EA . 0.36 27.30 18.91
C1 GOL FA . -7.08 11.56 -1.08
O1 GOL FA . -7.54 10.51 -0.22
C2 GOL FA . -6.98 12.86 -0.29
O2 GOL FA . -5.59 13.16 -0.11
C3 GOL FA . -7.60 14.05 -1.02
O3 GOL FA . -9.02 14.02 -1.15
C1 GOL GA . -24.57 -1.75 -5.21
O1 GOL GA . -24.14 -0.53 -4.79
C2 GOL GA . -25.84 -1.61 -5.96
O2 GOL GA . -25.68 -0.67 -7.05
C3 GOL GA . -26.17 -3.02 -6.44
O3 GOL GA . -26.10 -4.03 -5.39
C1 GOL HA . 7.39 -19.13 -2.26
O1 GOL HA . 8.27 -19.50 -3.31
C2 GOL HA . 6.14 -20.01 -2.32
O2 GOL HA . 6.39 -21.22 -1.61
C3 GOL HA . 4.91 -19.32 -1.75
O3 GOL HA . 3.70 -19.94 -2.23
C1 GOL IA . 13.49 -12.70 23.93
O1 GOL IA . 12.22 -13.25 24.27
C2 GOL IA . 13.89 -11.52 24.84
O2 GOL IA . 14.98 -11.93 25.67
C3 GOL IA . 14.34 -10.28 24.06
O3 GOL IA . 13.40 -9.76 23.11
C1 GOL JA . 14.86 -9.94 14.47
O1 GOL JA . 15.51 -10.68 15.51
C2 GOL JA . 15.29 -8.49 14.56
O2 GOL JA . 16.71 -8.44 14.55
C3 GOL JA . 14.75 -7.73 13.34
O3 GOL JA . 14.56 -6.32 13.54
C1 GOL KA . 18.92 10.17 0.98
O1 GOL KA . 17.68 9.67 1.50
C2 GOL KA . 19.48 9.17 -0.02
O2 GOL KA . 20.57 9.79 -0.72
C3 GOL KA . 19.91 7.91 0.70
O3 GOL KA . 21.33 7.66 0.60
C1 GOL LA . 14.73 4.84 -24.08
O1 GOL LA . 14.39 6.20 -24.24
C2 GOL LA . 13.49 3.96 -24.30
O2 GOL LA . 12.48 4.64 -25.06
C3 GOL LA . 13.92 2.70 -25.06
O3 GOL LA . 12.90 1.71 -24.96
C1 GOL MA . 27.31 -4.51 -1.55
O1 GOL MA . 26.86 -5.87 -1.62
C2 GOL MA . 26.75 -3.66 -2.70
O2 GOL MA . 27.75 -2.73 -3.15
C3 GOL MA . 26.32 -4.52 -3.88
O3 GOL MA . 25.94 -3.71 -5.01
C1 GOL NA . 8.94 15.98 -21.37
O1 GOL NA . 8.06 14.95 -21.81
C2 GOL NA . 8.21 17.10 -20.61
O2 GOL NA . 9.17 17.70 -19.74
C3 GOL NA . 7.70 18.26 -21.48
O3 GOL NA . 6.56 17.93 -22.30
C1 GOL OA . -2.55 15.90 -6.70
O1 GOL OA . -1.99 14.59 -6.87
C2 GOL OA . -1.48 16.95 -6.99
O2 GOL OA . -1.52 17.26 -8.38
C3 GOL OA . -1.66 18.23 -6.15
O3 GOL OA . -0.68 18.39 -5.13
C1 GOL PA . -12.12 21.44 1.75
O1 GOL PA . -11.88 22.79 2.17
C2 GOL PA . -13.39 21.35 0.89
O2 GOL PA . -13.57 19.98 0.50
C3 GOL PA . -14.61 21.97 1.56
O3 GOL PA . -15.87 21.55 1.04
C1 GOL QA . -20.67 1.19 20.87
O1 GOL QA . -21.71 1.98 20.27
C2 GOL QA . -19.54 2.12 21.31
O2 GOL QA . -19.98 2.81 22.48
C3 GOL QA . -18.23 1.34 21.55
O3 GOL QA . -17.97 1.11 22.95
C1 GOL RA . 2.55 6.73 -33.03
O1 GOL RA . 2.40 6.27 -31.68
C2 GOL RA . 1.97 8.13 -33.18
O2 GOL RA . 3.01 9.10 -33.08
C3 GOL RA . 1.28 8.34 -34.53
O3 GOL RA . 0.85 9.71 -34.65
C1 GOL SA . -22.40 10.01 -12.10
O1 GOL SA . -23.07 8.84 -12.58
C2 GOL SA . -23.41 11.11 -11.85
O2 GOL SA . -24.53 10.52 -11.18
C3 GOL SA . -22.76 12.25 -11.07
O3 GOL SA . -23.72 13.07 -10.37
C1 GOL TA . 17.72 -15.25 0.20
O1 GOL TA . 16.72 -15.70 1.13
C2 GOL TA . 19.13 -15.72 0.56
O2 GOL TA . 19.13 -17.06 1.09
C3 GOL TA . 20.03 -15.72 -0.69
O3 GOL TA . 20.51 -14.42 -1.03
C1 GOL UA . 4.50 -24.11 9.24
O1 GOL UA . 4.91 -23.69 10.56
C2 GOL UA . 4.54 -22.91 8.28
O2 GOL UA . 5.89 -22.60 7.94
C3 GOL UA . 3.77 -23.21 7.00
O3 GOL UA . 2.34 -23.23 7.17
C1 GOL VA . -9.19 -8.07 -7.97
O1 GOL VA . -9.76 -9.36 -7.67
C2 GOL VA . -8.06 -8.25 -8.98
O2 GOL VA . -8.24 -7.35 -10.09
C3 GOL VA . -6.68 -8.08 -8.30
O3 GOL VA . -6.17 -6.74 -8.16
C1 GOL WA . 20.24 -7.16 13.44
O1 GOL WA . 19.89 -8.54 13.25
C2 GOL WA . 19.19 -6.25 12.81
O2 GOL WA . 17.90 -6.82 12.98
C3 GOL WA . 19.22 -4.87 13.45
O3 GOL WA . 18.27 -3.99 12.81
C1 GOL XA . 18.44 -0.93 12.25
O1 GOL XA . 19.36 0.09 11.88
C2 GOL XA . 17.03 -0.39 12.37
O2 GOL XA . 16.29 -1.27 13.23
C3 GOL XA . 17.01 1.03 12.94
O3 GOL XA . 15.72 1.38 13.47
C1 GOL YA . 21.03 4.10 4.00
O1 GOL YA . 21.05 5.21 4.92
C2 GOL YA . 21.57 4.51 2.63
O2 GOL YA . 20.93 5.68 2.11
C3 GOL YA . 21.31 3.43 1.60
O3 GOL YA . 22.20 2.33 1.74
C1 GOL ZA . 23.42 7.89 -3.57
O1 GOL ZA . 22.26 7.57 -4.33
C2 GOL ZA . 23.26 9.19 -2.78
O2 GOL ZA . 24.17 9.11 -1.65
C3 GOL ZA . 23.49 10.50 -3.53
O3 GOL ZA . 23.75 10.45 -4.95
C1 GOL AB . -7.70 -23.48 1.91
O1 GOL AB . -8.27 -23.34 0.59
C2 GOL AB . -8.17 -24.74 2.62
O2 GOL AB . -7.95 -24.60 4.02
C3 GOL AB . -9.66 -24.98 2.32
O3 GOL AB . -10.26 -25.90 3.24
C1 PEG BB . -12.25 14.96 -16.71
O1 PEG BB . -12.35 16.25 -16.13
C2 PEG BB . -12.71 14.94 -18.17
O2 PEG BB . -14.14 14.89 -18.26
C3 PEG BB . -14.60 13.99 -19.28
C4 PEG BB . -16.10 14.17 -19.51
O4 PEG BB . -16.67 13.03 -20.18
#